data_1A0P
#
_entry.id   1A0P
#
_cell.length_a   102.950
_cell.length_b   102.950
_cell.length_c   55.900
_cell.angle_alpha   90.00
_cell.angle_beta   90.00
_cell.angle_gamma   120.00
#
_symmetry.space_group_name_H-M   'P 65'
#
loop_
_entity.id
_entity.type
_entity.pdbx_description
1 polymer 'SITE-SPECIFIC RECOMBINASE XERD'
2 water water
#
_entity_poly.entity_id   1
_entity_poly.type   'polypeptide(L)'
_entity_poly.pdbx_seq_one_letter_code
;QDLARIEQFLDALWLEKNLAENTLNAYRRDLSMMVEWLHHRGLTLATAQSDDLQALLAERLEGGYKATSSARLLSAVRRL
FQYLYREKFREDDPSAHLASPKLPQRLPKDLSEAQVERLLQAPLIDQPLELRDKAMLEVLYATGLRVSELVGLTMSDISL
RQGVVRVIGKGNKERLVPLGEEAVYWLETYLEHGRPWLLNGVSIDVLFPSQRAQQMTRQTFWHRIKHYAVLAGIDSEKLS
PHVLRHAFATHLLNHGADLRVVQMLLGHSDLSTTQIYTHVATERLRQLHQ
;
_entity_poly.pdbx_strand_id   A
#
# COMPACT_ATOMS: atom_id res chain seq x y z
N GLN A 1 -4.61 16.60 9.63
CA GLN A 1 -4.86 15.65 8.51
C GLN A 1 -3.80 15.80 7.44
N ASP A 2 -3.48 17.02 7.00
CA ASP A 2 -2.43 17.20 6.01
C ASP A 2 -1.03 16.83 6.52
N LEU A 3 -0.79 17.03 7.82
CA LEU A 3 0.54 16.65 8.32
C LEU A 3 0.67 15.14 8.44
N ALA A 4 -0.42 14.47 8.75
CA ALA A 4 -0.48 13.00 8.71
C ALA A 4 -0.22 12.49 7.28
N ARG A 5 -0.81 13.21 6.28
CA ARG A 5 -0.61 12.95 4.88
C ARG A 5 0.84 13.10 4.50
N ILE A 6 1.61 13.87 5.20
CA ILE A 6 3.05 13.83 4.94
C ILE A 6 3.72 12.67 5.63
N GLU A 7 3.24 12.27 6.82
CA GLU A 7 3.90 11.13 7.45
C GLU A 7 3.60 9.88 6.61
N GLN A 8 2.35 9.77 6.13
CA GLN A 8 2.02 8.68 5.21
C GLN A 8 2.87 8.71 3.97
N PHE A 9 3.17 9.89 3.41
CA PHE A 9 4.02 9.91 2.23
C PHE A 9 5.42 9.45 2.55
N LEU A 10 5.99 9.92 3.66
CA LEU A 10 7.41 9.64 3.92
C LEU A 10 7.57 8.13 4.19
N ASP A 11 6.54 7.61 4.89
CA ASP A 11 6.39 6.20 5.18
C ASP A 11 6.44 5.36 3.91
N ALA A 12 5.56 5.78 2.97
CA ALA A 12 5.58 5.10 1.66
C ALA A 12 6.90 5.40 0.97
N LEU A 13 7.39 6.64 1.12
CA LEU A 13 8.73 6.88 0.54
C LEU A 13 9.70 5.90 1.18
N TRP A 14 9.83 5.92 2.50
CA TRP A 14 10.75 5.02 3.20
C TRP A 14 10.52 3.56 2.83
N LEU A 15 9.28 3.11 2.61
CA LEU A 15 9.11 1.77 2.10
C LEU A 15 9.92 1.39 0.90
N GLU A 16 10.15 2.19 -0.12
CA GLU A 16 10.78 1.65 -1.33
C GLU A 16 12.27 1.48 -1.37
N LYS A 17 12.87 1.29 -0.20
CA LYS A 17 14.25 1.09 0.17
C LYS A 17 15.13 2.15 -0.51
N ASN A 18 14.58 3.35 -0.47
CA ASN A 18 15.03 4.47 -1.29
C ASN A 18 15.44 5.62 -0.39
N LEU A 19 16.13 6.59 -0.97
CA LEU A 19 16.44 7.85 -0.30
C LEU A 19 17.28 7.69 0.96
N ALA A 20 16.95 8.40 2.04
CA ALA A 20 17.80 8.42 3.22
C ALA A 20 17.08 9.19 4.30
N GLU A 21 17.34 8.92 5.58
CA GLU A 21 16.60 9.60 6.64
C GLU A 21 16.87 11.10 6.58
N ASN A 22 18.05 11.47 6.13
CA ASN A 22 18.39 12.78 5.67
C ASN A 22 17.36 13.33 4.69
N THR A 23 17.46 12.79 3.45
CA THR A 23 16.61 13.29 2.38
C THR A 23 15.16 13.19 2.79
N LEU A 24 14.80 12.18 3.59
CA LEU A 24 13.49 12.11 4.20
C LEU A 24 13.12 13.23 5.14
N ASN A 25 14.06 13.70 5.94
CA ASN A 25 13.78 14.69 6.98
C ASN A 25 13.89 16.07 6.33
N ALA A 26 14.76 16.10 5.32
CA ALA A 26 14.75 17.30 4.44
C ALA A 26 13.37 17.43 3.77
N TYR A 27 12.79 16.32 3.31
CA TYR A 27 11.40 16.35 2.91
C TYR A 27 10.44 16.63 4.03
N ARG A 28 10.60 16.07 5.25
CA ARG A 28 9.53 16.37 6.25
C ARG A 28 9.42 17.88 6.43
N ARG A 29 10.60 18.43 6.65
CA ARG A 29 10.92 19.82 6.78
C ARG A 29 10.26 20.69 5.71
N ASP A 30 10.68 20.46 4.46
CA ASP A 30 10.20 21.23 3.32
C ASP A 30 8.69 21.18 3.15
N LEU A 31 8.11 19.98 3.32
CA LEU A 31 6.67 19.81 3.15
C LEU A 31 5.87 20.44 4.29
N SER A 32 6.41 20.38 5.51
CA SER A 32 5.77 20.99 6.68
C SER A 32 5.83 22.52 6.66
N MET A 33 6.93 23.09 6.18
CA MET A 33 6.87 24.54 5.90
C MET A 33 5.78 24.81 4.86
N MET A 34 5.86 24.09 3.73
CA MET A 34 4.83 24.08 2.72
C MET A 34 3.41 23.89 3.23
N VAL A 35 3.07 23.00 4.15
CA VAL A 35 1.67 23.01 4.58
C VAL A 35 1.36 24.15 5.55
N GLU A 36 2.38 24.58 6.31
CA GLU A 36 2.22 25.78 7.15
C GLU A 36 1.81 26.93 6.24
N TRP A 37 2.68 27.11 5.26
CA TRP A 37 2.60 28.14 4.25
C TRP A 37 1.22 28.17 3.60
N LEU A 38 0.81 26.99 3.12
CA LEU A 38 -0.47 26.87 2.45
C LEU A 38 -1.63 27.13 3.40
N HIS A 39 -1.55 26.55 4.60
CA HIS A 39 -2.67 26.68 5.54
C HIS A 39 -2.87 28.15 5.94
N HIS A 40 -1.75 28.84 6.19
CA HIS A 40 -1.73 30.29 6.33
C HIS A 40 -2.43 30.96 5.15
N ARG A 41 -2.23 30.55 3.90
CA ARG A 41 -2.90 31.17 2.77
C ARG A 41 -4.33 30.71 2.56
N GLY A 42 -4.91 29.94 3.48
CA GLY A 42 -6.29 29.46 3.40
C GLY A 42 -6.34 28.01 2.91
N LEU A 43 -5.62 27.78 1.83
CA LEU A 43 -5.27 26.57 1.17
C LEU A 43 -4.96 25.31 1.99
N THR A 44 -4.96 24.20 1.25
CA THR A 44 -4.83 22.87 1.84
C THR A 44 -4.12 21.87 0.99
N LEU A 45 -3.83 20.66 1.44
CA LEU A 45 -3.16 19.72 0.50
C LEU A 45 -4.10 19.50 -0.67
N ALA A 46 -5.38 19.34 -0.42
CA ALA A 46 -6.40 19.11 -1.37
C ALA A 46 -6.56 20.22 -2.39
N THR A 47 -6.35 21.49 -2.04
CA THR A 47 -6.78 22.57 -2.94
C THR A 47 -5.63 23.41 -3.47
N ALA A 48 -4.46 23.28 -2.86
CA ALA A 48 -3.36 24.11 -3.32
C ALA A 48 -3.24 23.91 -4.83
N GLN A 49 -3.07 25.00 -5.58
CA GLN A 49 -2.93 24.91 -7.03
C GLN A 49 -1.52 25.11 -7.47
N SER A 50 -1.24 24.84 -8.74
CA SER A 50 0.12 25.02 -9.27
C SER A 50 0.68 26.42 -9.09
N ASP A 51 -0.19 27.43 -9.14
CA ASP A 51 0.15 28.83 -8.95
C ASP A 51 0.56 29.18 -7.53
N ASP A 52 -0.19 28.55 -6.64
CA ASP A 52 0.10 28.52 -5.20
C ASP A 52 1.46 27.88 -4.98
N LEU A 53 1.71 26.77 -5.71
CA LEU A 53 3.00 26.09 -5.57
C LEU A 53 4.06 26.91 -6.25
N GLN A 54 3.76 27.56 -7.36
CA GLN A 54 4.75 28.42 -8.02
C GLN A 54 5.15 29.61 -7.12
N ALA A 55 4.17 30.29 -6.53
CA ALA A 55 4.46 31.26 -5.47
C ALA A 55 5.41 30.72 -4.41
N LEU A 56 5.02 29.79 -3.57
CA LEU A 56 5.82 29.22 -2.49
C LEU A 56 7.30 29.11 -2.81
N LEU A 57 7.60 28.47 -3.92
CA LEU A 57 8.92 28.22 -4.44
C LEU A 57 9.72 29.49 -4.68
N ALA A 58 9.05 30.50 -5.21
CA ALA A 58 9.51 31.86 -5.33
C ALA A 58 9.75 32.51 -3.97
N GLU A 59 8.80 32.43 -3.03
CA GLU A 59 9.08 32.83 -1.66
C GLU A 59 10.37 32.11 -1.25
N ARG A 60 11.38 32.89 -0.92
CA ARG A 60 12.74 32.83 -1.27
C ARG A 60 13.36 31.52 -1.74
N LEU A 61 14.19 31.75 -2.75
CA LEU A 61 15.16 30.83 -3.34
C LEU A 61 14.53 30.30 -4.63
N SER A 69 16.54 25.54 -0.27
CA SER A 69 16.97 25.31 -1.64
C SER A 69 15.78 25.03 -2.55
N SER A 70 15.63 25.82 -3.60
CA SER A 70 14.50 25.61 -4.51
C SER A 70 14.53 24.19 -5.08
N ALA A 71 15.70 23.65 -5.44
CA ALA A 71 15.75 22.31 -5.96
C ALA A 71 15.15 21.30 -4.98
N ARG A 72 15.71 21.20 -3.78
CA ARG A 72 15.22 20.25 -2.79
C ARG A 72 13.75 20.49 -2.46
N LEU A 73 13.36 21.74 -2.20
CA LEU A 73 11.95 22.04 -2.03
C LEU A 73 11.11 21.62 -3.23
N LEU A 74 11.57 21.83 -4.46
CA LEU A 74 10.82 21.37 -5.64
C LEU A 74 10.69 19.84 -5.68
N SER A 75 11.78 19.15 -5.33
CA SER A 75 11.80 17.71 -5.16
C SER A 75 10.82 17.22 -4.10
N ALA A 76 10.83 17.71 -2.86
CA ALA A 76 9.79 17.21 -1.97
C ALA A 76 8.41 17.49 -2.54
N VAL A 77 8.09 18.68 -3.02
CA VAL A 77 6.78 19.06 -3.51
C VAL A 77 6.31 18.21 -4.69
N ARG A 78 7.13 17.92 -5.66
CA ARG A 78 6.81 17.05 -6.78
C ARG A 78 6.61 15.59 -6.36
N ARG A 79 7.43 15.03 -5.46
CA ARG A 79 7.22 13.68 -4.99
C ARG A 79 5.91 13.51 -4.22
N LEU A 80 5.61 14.52 -3.40
CA LEU A 80 4.45 14.40 -2.54
C LEU A 80 3.23 14.46 -3.41
N PHE A 81 3.36 15.35 -4.39
CA PHE A 81 2.22 15.67 -5.25
C PHE A 81 2.05 14.61 -6.32
N GLN A 82 3.06 13.90 -6.75
CA GLN A 82 2.92 12.64 -7.50
C GLN A 82 2.30 11.51 -6.67
N TYR A 83 2.69 11.45 -5.39
CA TYR A 83 2.11 10.55 -4.43
C TYR A 83 0.65 10.79 -4.13
N LEU A 84 0.17 12.03 -3.95
CA LEU A 84 -1.27 12.11 -3.62
C LEU A 84 -2.16 11.79 -4.82
N TYR A 85 -1.64 11.98 -6.02
CA TYR A 85 -2.24 11.77 -7.30
C TYR A 85 -2.33 10.27 -7.58
N ARG A 86 -1.22 9.57 -7.38
CA ARG A 86 -1.17 8.13 -7.34
C ARG A 86 -2.09 7.53 -6.29
N GLU A 87 -2.36 8.15 -5.14
CA GLU A 87 -3.17 7.55 -4.08
C GLU A 87 -4.64 7.84 -4.30
N LYS A 88 -4.81 8.68 -5.32
CA LYS A 88 -6.12 9.25 -5.65
C LYS A 88 -6.52 10.20 -4.55
N PHE A 89 -5.61 10.94 -3.87
CA PHE A 89 -6.14 11.71 -2.71
C PHE A 89 -6.80 12.93 -3.34
N ARG A 90 -6.27 13.24 -4.50
CA ARG A 90 -6.68 14.37 -5.33
C ARG A 90 -6.70 13.85 -6.76
N GLU A 91 -7.51 14.32 -7.69
CA GLU A 91 -7.54 13.81 -9.05
C GLU A 91 -6.45 14.31 -9.98
N ASP A 92 -5.66 15.28 -9.54
CA ASP A 92 -4.75 15.94 -10.48
C ASP A 92 -3.41 16.04 -9.75
N ASP A 93 -2.33 16.31 -10.43
CA ASP A 93 -1.07 16.58 -9.78
C ASP A 93 -0.75 18.06 -10.06
N PRO A 94 -1.00 18.89 -9.05
CA PRO A 94 -0.72 20.32 -9.14
C PRO A 94 0.73 20.65 -9.39
N SER A 95 1.68 19.79 -9.13
CA SER A 95 3.08 20.09 -9.26
C SER A 95 3.69 19.74 -10.59
N ALA A 96 2.88 19.18 -11.47
CA ALA A 96 3.27 18.57 -12.73
C ALA A 96 4.09 19.46 -13.65
N HIS A 97 3.63 20.69 -13.79
CA HIS A 97 4.29 21.65 -14.66
C HIS A 97 5.51 22.29 -14.01
N LEU A 98 5.47 22.62 -12.73
CA LEU A 98 6.49 23.38 -12.03
C LEU A 98 7.90 23.18 -12.57
N LYS A 109 -6.28 4.51 -12.15
CA LYS A 109 -7.66 4.03 -12.09
C LYS A 109 -8.09 3.32 -13.37
N ASP A 110 -7.10 2.75 -14.04
CA ASP A 110 -7.10 1.84 -15.15
C ASP A 110 -7.73 0.47 -14.97
N LEU A 111 -8.33 0.03 -13.86
CA LEU A 111 -8.73 -1.36 -13.68
C LEU A 111 -10.22 -1.59 -13.40
N SER A 112 -10.80 -2.61 -14.05
CA SER A 112 -12.17 -2.99 -13.76
C SER A 112 -12.34 -3.86 -12.50
N GLU A 113 -13.54 -3.95 -11.97
CA GLU A 113 -13.76 -4.88 -10.86
C GLU A 113 -13.47 -6.33 -11.28
N ALA A 114 -13.98 -6.67 -12.46
CA ALA A 114 -13.80 -7.93 -13.13
C ALA A 114 -12.35 -8.28 -13.41
N GLN A 115 -11.51 -7.33 -13.81
CA GLN A 115 -10.10 -7.69 -13.89
C GLN A 115 -9.45 -7.96 -12.53
N VAL A 116 -9.98 -7.47 -11.44
CA VAL A 116 -9.45 -7.58 -10.11
C VAL A 116 -9.89 -8.97 -9.64
N GLU A 117 -11.13 -9.29 -10.04
CA GLU A 117 -11.64 -10.62 -9.76
C GLU A 117 -10.86 -11.70 -10.53
N ARG A 118 -10.56 -11.49 -11.81
CA ARG A 118 -9.79 -12.50 -12.53
C ARG A 118 -8.39 -12.67 -11.96
N LEU A 119 -7.74 -11.53 -11.65
CA LEU A 119 -6.36 -11.57 -11.25
C LEU A 119 -6.23 -12.45 -9.98
N LEU A 120 -7.03 -12.21 -8.97
CA LEU A 120 -7.12 -12.92 -7.71
C LEU A 120 -7.53 -14.38 -7.91
N GLN A 121 -8.35 -14.66 -8.92
CA GLN A 121 -8.66 -16.00 -9.35
C GLN A 121 -7.59 -16.60 -10.26
N ALA A 122 -6.63 -15.86 -10.84
CA ALA A 122 -5.65 -16.56 -11.61
C ALA A 122 -4.90 -17.67 -10.89
N PRO A 123 -4.25 -17.49 -9.75
CA PRO A 123 -3.26 -18.42 -9.22
C PRO A 123 -3.78 -19.84 -8.88
N LEU A 124 -3.06 -20.80 -9.39
CA LEU A 124 -3.52 -22.23 -9.45
C LEU A 124 -3.23 -22.78 -8.03
N ILE A 125 -4.23 -22.83 -7.18
CA ILE A 125 -4.08 -23.17 -5.80
C ILE A 125 -3.69 -24.58 -5.37
N ASP A 126 -3.23 -25.43 -6.23
CA ASP A 126 -2.72 -26.73 -5.95
C ASP A 126 -1.22 -26.79 -6.17
N GLN A 127 -0.69 -25.71 -6.75
CA GLN A 127 0.79 -25.60 -6.78
C GLN A 127 1.18 -24.72 -5.58
N PRO A 128 2.08 -25.18 -4.75
CA PRO A 128 2.56 -24.49 -3.59
C PRO A 128 2.98 -23.04 -3.78
N LEU A 129 3.74 -22.77 -4.81
CA LEU A 129 4.16 -21.48 -5.31
C LEU A 129 3.02 -20.47 -5.56
N GLU A 130 1.98 -21.01 -6.18
CA GLU A 130 0.91 -20.13 -6.69
C GLU A 130 -0.07 -19.88 -5.57
N LEU A 131 -0.02 -20.81 -4.59
CA LEU A 131 -0.94 -20.59 -3.44
C LEU A 131 -0.24 -19.66 -2.44
N ARG A 132 1.07 -19.57 -2.48
CA ARG A 132 1.78 -18.51 -1.79
C ARG A 132 1.30 -17.18 -2.41
N ASP A 133 1.42 -17.20 -3.74
CA ASP A 133 1.05 -16.03 -4.52
C ASP A 133 -0.43 -15.77 -4.27
N LYS A 134 -1.30 -16.76 -4.17
CA LYS A 134 -2.68 -16.35 -3.84
C LYS A 134 -2.79 -15.64 -2.49
N ALA A 135 -2.03 -16.18 -1.52
CA ALA A 135 -2.15 -15.75 -0.12
C ALA A 135 -1.66 -14.27 0.01
N MET A 136 -0.54 -14.00 -0.59
CA MET A 136 0.02 -12.68 -0.65
C MET A 136 -0.88 -11.64 -1.33
N LEU A 137 -1.56 -12.05 -2.38
CA LEU A 137 -2.56 -11.25 -3.08
C LEU A 137 -3.82 -11.01 -2.26
N GLU A 138 -4.32 -11.99 -1.53
CA GLU A 138 -5.47 -11.76 -0.66
C GLU A 138 -5.17 -10.95 0.62
N VAL A 139 -3.94 -10.94 1.09
CA VAL A 139 -3.40 -10.05 2.07
C VAL A 139 -3.26 -8.62 1.51
N LEU A 140 -2.63 -8.41 0.37
CA LEU A 140 -2.63 -7.16 -0.33
C LEU A 140 -4.05 -6.65 -0.48
N TYR A 141 -4.98 -7.50 -0.91
CA TYR A 141 -6.29 -6.98 -1.24
C TYR A 141 -6.97 -6.54 0.05
N ALA A 142 -6.79 -7.26 1.14
CA ALA A 142 -7.53 -6.96 2.37
C ALA A 142 -6.89 -5.86 3.23
N THR A 143 -5.60 -5.89 3.48
CA THR A 143 -4.95 -5.03 4.44
C THR A 143 -4.51 -3.69 3.84
N GLY A 144 -4.11 -3.73 2.58
CA GLY A 144 -3.69 -2.54 1.85
C GLY A 144 -2.18 -2.43 1.98
N LEU A 145 -1.55 -3.39 2.64
CA LEU A 145 -0.12 -3.41 2.76
C LEU A 145 0.43 -3.20 1.34
N ARG A 146 1.70 -2.85 1.24
CA ARG A 146 2.43 -2.73 0.03
C ARG A 146 3.21 -4.04 -0.14
N VAL A 147 3.64 -4.27 -1.40
CA VAL A 147 4.36 -5.47 -1.72
C VAL A 147 5.55 -5.52 -0.78
N SER A 148 6.28 -4.43 -0.74
CA SER A 148 7.38 -4.15 0.15
C SER A 148 7.19 -4.61 1.60
N GLU A 149 6.00 -4.40 2.14
CA GLU A 149 5.73 -4.86 3.46
C GLU A 149 5.40 -6.35 3.47
N LEU A 150 4.91 -6.96 2.39
CA LEU A 150 4.40 -8.32 2.44
C LEU A 150 5.56 -9.34 2.46
N VAL A 151 6.62 -8.90 1.84
CA VAL A 151 7.77 -9.71 1.44
C VAL A 151 8.72 -9.91 2.56
N GLY A 152 8.68 -9.09 3.60
CA GLY A 152 9.72 -9.18 4.65
C GLY A 152 8.99 -9.68 5.90
N LEU A 153 7.68 -9.77 5.80
CA LEU A 153 6.88 -10.35 6.88
C LEU A 153 7.51 -11.70 7.28
N THR A 154 7.68 -11.94 8.56
CA THR A 154 8.21 -13.20 9.05
C THR A 154 7.10 -14.05 9.67
N MET A 155 7.45 -15.29 10.04
CA MET A 155 6.47 -16.18 10.69
C MET A 155 6.05 -15.61 12.03
N SER A 156 6.95 -14.82 12.63
CA SER A 156 6.65 -14.00 13.79
C SER A 156 5.72 -12.83 13.59
N ASP A 157 5.39 -12.39 12.39
CA ASP A 157 4.57 -11.19 12.23
C ASP A 157 3.14 -11.55 12.12
N ILE A 158 2.83 -12.83 12.32
CA ILE A 158 1.45 -13.25 12.04
C ILE A 158 0.76 -14.00 13.15
N SER A 159 -0.53 -13.74 13.29
CA SER A 159 -1.39 -14.38 14.24
C SER A 159 -2.73 -14.50 13.52
N LEU A 160 -2.94 -15.71 12.97
CA LEU A 160 -4.26 -16.02 12.39
C LEU A 160 -5.31 -16.17 13.46
N ARG A 161 -4.90 -16.65 14.66
CA ARG A 161 -5.97 -16.77 15.67
C ARG A 161 -6.33 -15.38 16.17
N GLN A 162 -5.38 -14.42 16.17
CA GLN A 162 -5.86 -13.05 16.42
C GLN A 162 -6.38 -12.43 15.11
N GLY A 163 -5.94 -12.85 13.92
CA GLY A 163 -6.55 -12.28 12.71
C GLY A 163 -5.75 -11.02 12.31
N VAL A 164 -4.44 -10.98 12.53
CA VAL A 164 -3.77 -9.73 12.40
C VAL A 164 -2.35 -10.05 11.93
N VAL A 165 -1.69 -9.08 11.32
CA VAL A 165 -0.30 -9.22 10.94
C VAL A 165 0.41 -7.95 11.45
N ARG A 166 1.69 -8.08 11.74
CA ARG A 166 2.38 -7.06 12.49
C ARG A 166 3.32 -6.39 11.48
N VAL A 167 3.10 -5.09 11.26
CA VAL A 167 3.89 -4.45 10.22
C VAL A 167 4.95 -3.52 10.82
N ILE A 168 6.18 -3.72 10.39
CA ILE A 168 7.25 -2.80 10.85
C ILE A 168 7.28 -1.61 9.90
N GLY A 169 7.64 -0.47 10.45
CA GLY A 169 7.67 0.79 9.73
C GLY A 169 8.91 1.62 10.05
N LYS A 170 8.86 2.84 9.52
CA LYS A 170 9.95 3.82 9.70
C LYS A 170 9.90 4.28 11.15
N GLY A 171 10.94 3.86 11.84
CA GLY A 171 11.21 4.07 13.26
C GLY A 171 11.62 2.66 13.72
N ASN A 172 10.90 2.17 14.70
CA ASN A 172 10.57 0.77 14.86
C ASN A 172 9.10 0.92 15.31
N LYS A 173 8.41 1.47 14.30
CA LYS A 173 6.99 1.71 14.38
C LYS A 173 6.37 0.37 13.93
N GLU A 174 5.82 -0.35 14.91
CA GLU A 174 5.17 -1.61 14.70
C GLU A 174 3.69 -1.42 14.85
N ARG A 175 2.91 -1.89 13.88
CA ARG A 175 1.48 -1.78 14.12
C ARG A 175 0.86 -3.09 13.65
N LEU A 176 -0.42 -3.21 13.91
CA LEU A 176 -1.11 -4.44 13.73
C LEU A 176 -2.17 -4.13 12.67
N VAL A 177 -2.15 -4.90 11.56
CA VAL A 177 -3.28 -4.60 10.65
C VAL A 177 -4.11 -5.85 10.51
N PRO A 178 -5.36 -5.79 10.98
CA PRO A 178 -6.30 -6.87 10.82
C PRO A 178 -6.36 -7.43 9.39
N LEU A 179 -6.44 -8.76 9.25
CA LEU A 179 -6.51 -9.39 7.94
C LEU A 179 -7.91 -9.64 7.44
N GLY A 180 -8.90 -9.84 8.27
CA GLY A 180 -10.25 -10.15 7.81
C GLY A 180 -10.32 -11.70 7.59
N GLU A 181 -11.53 -12.19 7.46
CA GLU A 181 -11.86 -13.60 7.32
C GLU A 181 -11.24 -14.31 6.13
N GLU A 182 -11.34 -13.67 4.97
CA GLU A 182 -10.86 -14.30 3.73
C GLU A 182 -9.36 -14.39 3.71
N ALA A 183 -8.63 -13.37 4.24
CA ALA A 183 -7.19 -13.44 4.12
C ALA A 183 -6.72 -14.47 5.12
N VAL A 184 -7.35 -14.52 6.28
CA VAL A 184 -6.98 -15.49 7.31
C VAL A 184 -7.12 -16.91 6.73
N TYR A 185 -8.30 -17.13 6.16
CA TYR A 185 -8.55 -18.38 5.44
C TYR A 185 -7.45 -18.67 4.43
N TRP A 186 -7.18 -17.76 3.48
CA TRP A 186 -6.13 -18.12 2.49
C TRP A 186 -4.81 -18.40 3.15
N LEU A 187 -4.45 -17.61 4.15
CA LEU A 187 -3.20 -17.72 4.87
C LEU A 187 -3.07 -19.07 5.58
N GLU A 188 -4.16 -19.53 6.16
CA GLU A 188 -4.34 -20.84 6.76
C GLU A 188 -4.08 -22.00 5.80
N THR A 189 -4.82 -21.98 4.67
CA THR A 189 -4.65 -22.91 3.55
C THR A 189 -3.23 -22.83 3.01
N TYR A 190 -2.71 -21.58 2.94
CA TYR A 190 -1.27 -21.52 2.58
C TYR A 190 -0.37 -22.07 3.66
N LEU A 191 -0.70 -21.96 4.97
CA LEU A 191 0.32 -22.51 5.90
C LEU A 191 0.37 -24.03 5.91
N GLU A 192 -0.77 -24.65 5.65
CA GLU A 192 -0.91 -26.07 5.41
C GLU A 192 -0.45 -26.56 4.05
N HIS A 193 -0.94 -26.02 2.93
CA HIS A 193 -0.56 -26.60 1.65
C HIS A 193 0.49 -25.90 0.83
N GLY A 194 1.22 -24.88 1.23
CA GLY A 194 2.05 -24.14 0.34
C GLY A 194 3.42 -23.94 0.94
N ARG A 195 3.44 -23.27 2.10
CA ARG A 195 4.73 -22.86 2.68
C ARG A 195 5.68 -24.02 2.87
N PRO A 196 5.15 -25.08 3.52
CA PRO A 196 5.89 -26.28 3.83
C PRO A 196 6.51 -27.02 2.67
N TRP A 197 5.79 -27.00 1.56
CA TRP A 197 6.28 -27.49 0.27
C TRP A 197 7.26 -26.56 -0.40
N LEU A 198 7.27 -25.26 -0.06
CA LEU A 198 8.35 -24.38 -0.50
C LEU A 198 9.58 -24.54 0.34
N LEU A 199 9.44 -24.93 1.58
CA LEU A 199 10.66 -25.04 2.41
C LEU A 199 11.34 -26.37 2.37
N ASN A 200 10.56 -27.45 2.25
CA ASN A 200 11.14 -28.80 2.45
C ASN A 200 12.04 -28.86 3.68
N GLY A 201 11.49 -28.60 4.86
CA GLY A 201 12.29 -28.47 6.07
C GLY A 201 13.49 -27.55 6.13
N VAL A 202 13.69 -26.55 5.28
CA VAL A 202 14.80 -25.61 5.35
C VAL A 202 14.26 -24.55 6.31
N SER A 203 14.93 -24.14 7.39
CA SER A 203 14.20 -23.18 8.22
C SER A 203 14.57 -21.75 7.88
N ILE A 204 13.54 -20.93 7.82
CA ILE A 204 13.66 -19.53 7.53
C ILE A 204 12.46 -18.94 8.30
N ASP A 205 12.61 -17.74 8.84
CA ASP A 205 11.48 -17.13 9.52
C ASP A 205 10.54 -16.43 8.54
N VAL A 206 11.00 -16.24 7.31
CA VAL A 206 10.28 -15.60 6.23
C VAL A 206 8.89 -16.19 6.03
N LEU A 207 7.86 -15.36 6.04
CA LEU A 207 6.52 -15.85 5.91
C LEU A 207 6.20 -16.31 4.49
N PHE A 208 6.76 -15.71 3.45
CA PHE A 208 6.47 -16.04 2.07
C PHE A 208 7.79 -16.21 1.33
N PRO A 209 8.41 -17.37 1.43
CA PRO A 209 9.68 -17.59 0.79
C PRO A 209 9.56 -17.88 -0.69
N SER A 210 10.66 -17.72 -1.39
CA SER A 210 10.79 -18.11 -2.78
C SER A 210 10.74 -19.63 -2.84
N GLN A 211 10.63 -20.17 -4.06
CA GLN A 211 10.66 -21.60 -4.24
C GLN A 211 12.04 -22.21 -3.99
N ARG A 212 13.09 -21.41 -3.90
CA ARG A 212 14.41 -21.81 -3.46
C ARG A 212 14.65 -21.38 -2.03
N ALA A 213 13.54 -21.31 -1.30
CA ALA A 213 13.47 -21.02 0.11
C ALA A 213 14.33 -19.85 0.58
N GLN A 214 14.24 -18.70 -0.09
CA GLN A 214 14.90 -17.51 0.44
C GLN A 214 13.88 -16.38 0.43
N GLN A 215 14.35 -15.29 1.03
CA GLN A 215 13.49 -14.12 1.06
C GLN A 215 13.28 -13.66 -0.38
N MET A 216 12.03 -13.37 -0.69
CA MET A 216 11.71 -12.86 -2.03
C MET A 216 11.74 -11.35 -1.96
N THR A 217 11.84 -10.61 -3.06
CA THR A 217 11.71 -9.16 -3.02
C THR A 217 10.45 -8.57 -3.63
N ARG A 218 10.33 -7.24 -3.55
CA ARG A 218 9.29 -6.49 -4.22
C ARG A 218 9.20 -6.78 -5.73
N GLN A 219 10.34 -6.76 -6.38
CA GLN A 219 10.56 -6.99 -7.76
C GLN A 219 10.35 -8.45 -8.16
N THR A 220 10.80 -9.40 -7.34
CA THR A 220 10.58 -10.83 -7.63
C THR A 220 9.10 -11.18 -7.48
N PHE A 221 8.35 -10.46 -6.64
CA PHE A 221 6.93 -10.75 -6.58
C PHE A 221 6.14 -9.95 -7.59
N TRP A 222 6.71 -8.83 -8.08
CA TRP A 222 5.90 -8.07 -9.06
C TRP A 222 5.88 -8.87 -10.38
N HIS A 223 6.89 -9.70 -10.64
CA HIS A 223 6.88 -10.65 -11.76
C HIS A 223 5.66 -11.56 -11.72
N ARG A 224 5.37 -12.14 -10.55
CA ARG A 224 4.24 -12.99 -10.32
C ARG A 224 2.94 -12.21 -10.57
N ILE A 225 2.90 -10.97 -10.14
CA ILE A 225 1.72 -10.13 -10.35
C ILE A 225 1.52 -9.95 -11.86
N LYS A 226 2.58 -9.71 -12.65
CA LYS A 226 2.38 -9.58 -14.08
C LYS A 226 1.80 -10.88 -14.71
N HIS A 227 2.44 -12.01 -14.30
CA HIS A 227 1.92 -13.31 -14.76
C HIS A 227 0.49 -13.43 -14.37
N TYR A 228 0.04 -13.16 -13.12
CA TYR A 228 -1.41 -13.22 -12.92
C TYR A 228 -2.13 -12.17 -13.75
N ALA A 229 -1.52 -10.99 -13.98
CA ALA A 229 -2.24 -9.89 -14.62
C ALA A 229 -2.53 -10.27 -16.09
N VAL A 230 -1.43 -10.75 -16.68
CA VAL A 230 -1.48 -11.27 -18.02
C VAL A 230 -2.60 -12.29 -18.18
N LEU A 231 -2.71 -13.30 -17.31
CA LEU A 231 -3.82 -14.25 -17.49
C LEU A 231 -5.17 -13.59 -17.35
N ALA A 232 -5.25 -12.53 -16.52
CA ALA A 232 -6.55 -11.87 -16.36
C ALA A 232 -6.88 -10.89 -17.48
N GLY A 233 -6.02 -10.77 -18.50
CA GLY A 233 -6.24 -9.90 -19.64
C GLY A 233 -5.95 -8.42 -19.34
N ILE A 234 -5.27 -8.18 -18.22
CA ILE A 234 -4.84 -6.83 -17.84
C ILE A 234 -3.55 -6.58 -18.61
N ASP A 235 -3.36 -5.35 -19.09
CA ASP A 235 -2.06 -5.03 -19.67
C ASP A 235 -1.00 -5.17 -18.59
N SER A 236 -0.18 -6.20 -18.63
CA SER A 236 0.79 -6.45 -17.59
C SER A 236 1.88 -5.41 -17.49
N GLU A 237 2.39 -4.89 -18.58
CA GLU A 237 3.53 -3.97 -18.56
C GLU A 237 3.16 -2.53 -18.22
N LYS A 238 1.88 -2.20 -18.20
CA LYS A 238 1.33 -0.93 -17.79
C LYS A 238 0.68 -0.93 -16.42
N LEU A 239 0.51 -2.10 -15.78
CA LEU A 239 -0.02 -2.11 -14.42
C LEU A 239 1.04 -1.49 -13.50
N SER A 240 0.52 -0.64 -12.62
CA SER A 240 1.43 -0.08 -11.62
C SER A 240 0.92 -0.50 -10.24
N PRO A 241 1.80 -0.50 -9.28
CA PRO A 241 1.43 -0.79 -7.87
C PRO A 241 0.31 0.07 -7.41
N HIS A 242 0.33 1.36 -7.82
CA HIS A 242 -0.75 2.21 -7.25
C HIS A 242 -2.07 1.95 -7.90
N VAL A 243 -2.08 1.54 -9.21
CA VAL A 243 -3.46 1.35 -9.70
C VAL A 243 -3.99 0.00 -9.23
N LEU A 244 -3.07 -0.96 -9.02
CA LEU A 244 -3.48 -2.18 -8.33
C LEU A 244 -3.95 -1.91 -6.91
N ARG A 245 -3.13 -1.16 -6.15
CA ARG A 245 -3.52 -0.94 -4.74
C ARG A 245 -4.82 -0.18 -4.68
N HIS A 246 -4.99 0.87 -5.49
CA HIS A 246 -6.32 1.54 -5.55
C HIS A 246 -7.46 0.70 -6.10
N ALA A 247 -7.22 -0.18 -7.07
CA ALA A 247 -8.34 -1.09 -7.48
C ALA A 247 -8.68 -2.10 -6.38
N PHE A 248 -7.67 -2.65 -5.67
CA PHE A 248 -8.07 -3.54 -4.57
C PHE A 248 -8.90 -2.81 -3.53
N ALA A 249 -8.41 -1.63 -3.08
CA ALA A 249 -9.07 -0.89 -2.00
C ALA A 249 -10.53 -0.62 -2.30
N THR A 250 -10.79 -0.29 -3.56
CA THR A 250 -12.13 0.05 -4.05
C THR A 250 -13.03 -1.16 -4.13
N HIS A 251 -12.48 -2.28 -4.62
CA HIS A 251 -13.22 -3.53 -4.70
C HIS A 251 -13.56 -4.02 -3.30
N LEU A 252 -12.52 -4.00 -2.44
CA LEU A 252 -12.69 -4.42 -1.05
C LEU A 252 -13.79 -3.61 -0.44
N LEU A 253 -13.71 -2.28 -0.64
CA LEU A 253 -14.68 -1.39 -0.03
C LEU A 253 -16.08 -1.61 -0.54
N ASN A 254 -16.18 -1.96 -1.81
CA ASN A 254 -17.45 -2.15 -2.51
C ASN A 254 -18.00 -3.55 -2.36
N HIS A 255 -17.25 -4.47 -1.76
CA HIS A 255 -17.59 -5.87 -1.63
C HIS A 255 -17.32 -6.54 -0.29
N GLY A 256 -16.30 -6.17 0.46
CA GLY A 256 -15.93 -6.77 1.73
C GLY A 256 -17.09 -6.99 2.68
N ALA A 257 -16.99 -8.01 3.51
CA ALA A 257 -18.05 -8.51 4.37
C ALA A 257 -18.13 -7.86 5.75
N ASP A 258 -16.97 -7.80 6.36
CA ASP A 258 -16.63 -7.31 7.66
C ASP A 258 -16.83 -5.80 7.84
N LEU A 259 -16.82 -5.08 6.73
CA LEU A 259 -16.79 -3.63 6.77
C LEU A 259 -18.08 -3.06 6.21
N ARG A 260 -19.14 -3.60 6.78
CA ARG A 260 -20.52 -3.28 6.52
C ARG A 260 -20.70 -1.79 6.23
N VAL A 261 -20.78 -1.00 7.30
CA VAL A 261 -20.92 0.44 7.14
C VAL A 261 -19.60 1.13 7.44
N VAL A 262 -18.57 0.80 6.63
CA VAL A 262 -17.50 1.75 6.36
C VAL A 262 -17.80 2.34 4.99
N GLN A 263 -18.84 1.84 4.32
CA GLN A 263 -19.33 2.40 3.07
C GLN A 263 -20.38 3.48 3.33
N MET A 264 -20.94 3.47 4.53
CA MET A 264 -21.98 4.39 4.97
C MET A 264 -21.48 5.39 6.01
N LEU A 265 -20.25 5.80 5.87
CA LEU A 265 -19.49 6.60 6.84
C LEU A 265 -18.24 7.07 6.08
N LEU A 266 -18.40 6.94 4.76
CA LEU A 266 -17.33 7.13 3.78
C LEU A 266 -17.91 6.88 2.41
N SER A 269 -18.35 9.67 -1.57
CA SER A 269 -17.11 10.40 -1.24
C SER A 269 -15.99 10.09 -2.23
N ASP A 270 -14.96 10.93 -2.29
CA ASP A 270 -13.85 10.70 -3.20
C ASP A 270 -12.67 9.98 -2.55
N LEU A 271 -12.90 8.70 -2.33
CA LEU A 271 -12.01 7.78 -1.67
C LEU A 271 -10.57 7.73 -2.14
N SER A 272 -9.69 7.87 -1.18
CA SER A 272 -8.24 7.76 -1.38
C SER A 272 -7.75 6.35 -0.97
N THR A 273 -6.75 5.75 -1.60
CA THR A 273 -6.31 4.40 -1.25
C THR A 273 -6.10 4.23 0.28
N THR A 274 -5.15 4.99 0.78
CA THR A 274 -4.80 4.98 2.20
C THR A 274 -5.93 5.38 3.13
N GLN A 275 -6.86 6.24 2.68
CA GLN A 275 -7.97 6.57 3.57
C GLN A 275 -8.87 5.36 3.62
N ILE A 276 -9.07 4.67 2.51
CA ILE A 276 -9.94 3.49 2.43
C ILE A 276 -9.38 2.40 3.35
N TYR A 277 -8.11 2.07 3.23
CA TYR A 277 -7.54 1.04 4.06
C TYR A 277 -7.40 1.43 5.54
N THR A 278 -7.45 2.73 5.80
CA THR A 278 -7.28 3.20 7.18
C THR A 278 -8.61 2.94 7.87
N HIS A 279 -9.70 3.33 7.23
CA HIS A 279 -11.02 3.04 7.72
C HIS A 279 -11.26 1.55 7.99
N VAL A 280 -10.89 0.78 6.95
CA VAL A 280 -11.03 -0.67 6.95
C VAL A 280 -10.24 -1.16 8.17
N ALA A 281 -8.96 -0.83 8.33
CA ALA A 281 -8.23 -1.26 9.49
C ALA A 281 -8.90 -0.84 10.80
N THR A 282 -9.44 0.37 10.89
CA THR A 282 -10.11 0.80 12.12
C THR A 282 -11.37 0.01 12.42
N GLU A 283 -12.19 -0.29 11.41
CA GLU A 283 -13.41 -1.04 11.70
C GLU A 283 -13.09 -2.47 12.16
N ARG A 284 -12.03 -3.05 11.61
CA ARG A 284 -11.65 -4.42 11.76
C ARG A 284 -11.03 -4.72 13.11
N LEU A 285 -10.07 -3.92 13.52
CA LEU A 285 -9.52 -3.86 14.84
C LEU A 285 -10.62 -3.56 15.88
N ARG A 286 -11.64 -2.81 15.56
CA ARG A 286 -12.74 -2.50 16.43
C ARG A 286 -13.53 -3.78 16.71
N GLN A 287 -13.78 -4.55 15.65
CA GLN A 287 -14.57 -5.77 15.77
C GLN A 287 -13.79 -6.82 16.57
N LEU A 288 -12.50 -6.89 16.44
CA LEU A 288 -11.52 -7.71 17.05
C LEU A 288 -11.34 -7.52 18.55
N HIS A 289 -11.45 -6.28 18.99
CA HIS A 289 -11.25 -5.90 20.38
C HIS A 289 -12.56 -6.09 21.13
N GLN A 290 -13.65 -6.34 20.44
CA GLN A 290 -14.97 -6.61 20.95
C GLN A 290 -15.18 -8.08 21.29
#